data_6QMF
#
_entry.id   6QMF
#
_cell.length_a   97.951
_cell.length_b   97.951
_cell.length_c   112.729
_cell.angle_alpha   90.000
_cell.angle_beta   90.000
_cell.angle_gamma   120.000
#
_symmetry.space_group_name_H-M   'H 3 2'
#
loop_
_entity.id
_entity.type
_entity.pdbx_description
1 polymer 'Phosphopantetheine adenylyltransferase'
2 non-polymer '3-indol-1-ylpropanoic acid'
3 non-polymer 'DIMETHYL SULFOXIDE'
4 water water
#
_entity_poly.entity_id   1
_entity_poly.type   'polypeptide(L)'
_entity_poly.pdbx_seq_one_letter_code
;GSMTGAVCPGSFDPVTLGHVDIFERAAAQFDEVVVAILVNPAKTGMFDLDERIAMVKESTTHLPNLRVQVGHGLVVDFVR
SCGMTAIVKGLRTGTDFEYELQMAQMNKHIAGVDTFFVATAPRYSFVSSSLAKEVAMLGGDVSELLPEPVNRRLRDRLNT
ERT
;
_entity_poly.pdbx_strand_id   A
#
loop_
_chem_comp.id
_chem_comp.type
_chem_comp.name
_chem_comp.formula
DMS non-polymer 'DIMETHYL SULFOXIDE' 'C2 H6 O S'
EQ5 non-polymer '3-indol-1-ylpropanoic acid' 'C11 H11 N O2'
#
# COMPACT_ATOMS: atom_id res chain seq x y z
N MET A 3 -11.75 -2.05 17.72
CA MET A 3 -11.49 -3.46 17.95
C MET A 3 -11.51 -4.23 16.62
N THR A 4 -11.91 -3.54 15.56
CA THR A 4 -11.76 -4.09 14.21
C THR A 4 -10.48 -3.52 13.61
N GLY A 5 -9.84 -4.26 12.72
CA GLY A 5 -8.58 -3.80 12.19
C GLY A 5 -8.23 -4.48 10.88
N ALA A 6 -7.60 -3.73 9.98
CA ALA A 6 -7.14 -4.28 8.72
C ALA A 6 -5.65 -3.95 8.54
N VAL A 7 -4.90 -4.86 7.93
CA VAL A 7 -3.53 -4.56 7.55
C VAL A 7 -3.45 -4.39 6.03
N CYS A 8 -2.78 -3.33 5.59
CA CYS A 8 -2.55 -3.08 4.15
C CYS A 8 -1.07 -3.27 3.84
N PRO A 9 -0.71 -4.45 3.32
CA PRO A 9 0.71 -4.77 3.14
C PRO A 9 1.21 -4.46 1.74
N GLY A 10 2.48 -4.11 1.63
CA GLY A 10 3.08 -3.84 0.33
C GLY A 10 4.49 -3.33 0.46
N SER A 11 5.17 -3.13 -0.67
CA SER A 11 6.53 -2.59 -0.62
C SER A 11 6.50 -1.06 -0.60
N PHE A 12 5.49 -0.48 -1.22
CA PHE A 12 5.29 0.98 -1.26
C PHE A 12 6.57 1.74 -1.65
N ASP A 13 7.11 1.41 -2.82
CA ASP A 13 8.38 1.95 -3.29
C ASP A 13 8.23 2.62 -4.65
N PRO A 14 7.57 3.79 -4.69
CA PRO A 14 6.98 4.54 -3.58
C PRO A 14 5.46 4.35 -3.47
N VAL A 15 4.87 4.84 -2.38
CA VAL A 15 3.42 4.88 -2.24
C VAL A 15 2.81 5.73 -3.37
N THR A 16 1.66 5.30 -3.91
CA THR A 16 1.00 6.02 -4.99
C THR A 16 -0.36 6.50 -4.53
N LEU A 17 -1.05 7.30 -5.34
CA LEU A 17 -2.42 7.67 -5.01
C LEU A 17 -3.42 6.50 -5.06
N GLY A 18 -3.10 5.44 -5.80
CA GLY A 18 -3.94 4.26 -5.81
C GLY A 18 -3.86 3.64 -4.44
N HIS A 19 -2.66 3.61 -3.87
CA HIS A 19 -2.51 3.08 -2.51
C HIS A 19 -3.28 3.92 -1.50
N VAL A 20 -3.16 5.24 -1.60
CA VAL A 20 -3.77 6.12 -0.57
C VAL A 20 -5.29 6.01 -0.66
N ASP A 21 -5.81 5.85 -1.88
CA ASP A 21 -7.23 5.61 -2.09
C ASP A 21 -7.71 4.39 -1.29
N ILE A 22 -6.98 3.28 -1.40
CA ILE A 22 -7.32 2.07 -0.63
C ILE A 22 -7.19 2.30 0.89
N PHE A 23 -6.11 2.97 1.31
CA PHE A 23 -5.91 3.28 2.74
C PHE A 23 -7.11 4.05 3.30
N GLU A 24 -7.61 5.01 2.53
CA GLU A 24 -8.74 5.83 2.96
C GLU A 24 -9.99 4.98 3.11
N ARG A 25 -10.18 4.03 2.20
CA ARG A 25 -11.36 3.20 2.21
C ARG A 25 -11.30 2.19 3.34
N ALA A 26 -10.10 1.67 3.61
CA ALA A 26 -9.91 0.77 4.74
C ALA A 26 -10.16 1.53 6.01
N ALA A 27 -9.62 2.75 6.06
CA ALA A 27 -9.65 3.55 7.28
C ALA A 27 -11.08 3.94 7.65
N ALA A 28 -11.93 4.02 6.64
CA ALA A 28 -13.33 4.40 6.83
C ALA A 28 -14.21 3.21 7.22
N GLN A 29 -13.70 1.99 7.08
CA GLN A 29 -14.47 0.78 7.35
C GLN A 29 -13.98 -0.03 8.55
N PHE A 30 -12.76 0.25 9.01
CA PHE A 30 -12.21 -0.49 10.16
C PHE A 30 -11.78 0.46 11.26
N ASP A 31 -11.74 -0.02 12.51
CA ASP A 31 -11.36 0.86 13.62
C ASP A 31 -9.89 1.31 13.53
N GLU A 32 -9.00 0.39 13.16
CA GLU A 32 -7.59 0.71 12.97
C GLU A 32 -7.08 0.13 11.64
N VAL A 33 -6.22 0.89 10.96
CA VAL A 33 -5.54 0.37 9.78
C VAL A 33 -4.03 0.43 10.03
N VAL A 34 -3.32 -0.63 9.68
CA VAL A 34 -1.86 -0.64 9.78
C VAL A 34 -1.27 -0.84 8.39
N VAL A 35 -0.52 0.14 7.90
CA VAL A 35 0.19 -0.01 6.62
C VAL A 35 1.50 -0.72 6.93
N ALA A 36 1.63 -1.94 6.40
CA ALA A 36 2.81 -2.76 6.65
C ALA A 36 3.76 -2.66 5.47
N ILE A 37 4.90 -2.02 5.69
CA ILE A 37 5.90 -1.86 4.65
C ILE A 37 6.85 -3.04 4.67
N LEU A 38 6.75 -3.89 3.65
CA LEU A 38 7.51 -5.14 3.61
C LEU A 38 8.88 -4.97 2.97
N GLY A 45 15.53 -1.88 -4.41
CA GLY A 45 14.47 -0.88 -4.38
C GLY A 45 15.00 0.53 -4.53
N MET A 46 14.14 1.44 -5.00
CA MET A 46 14.54 2.83 -5.23
C MET A 46 14.68 3.66 -3.95
N PHE A 47 13.73 3.50 -3.04
CA PHE A 47 13.79 4.24 -1.78
C PHE A 47 14.05 3.30 -0.62
N ASP A 48 14.75 3.78 0.40
CA ASP A 48 15.03 2.95 1.58
C ASP A 48 13.87 3.00 2.57
N LEU A 49 13.96 2.19 3.61
CA LEU A 49 12.87 2.01 4.57
C LEU A 49 12.25 3.30 5.11
N ASP A 50 13.05 4.19 5.69
CA ASP A 50 12.44 5.35 6.33
C ASP A 50 11.92 6.37 5.32
N GLU A 51 12.50 6.40 4.13
CA GLU A 51 11.97 7.24 3.07
C GLU A 51 10.55 6.77 2.74
N ARG A 52 10.38 5.45 2.64
CA ARG A 52 9.07 4.87 2.36
C ARG A 52 8.08 5.11 3.50
N ILE A 53 8.55 4.93 4.74
CA ILE A 53 7.72 5.17 5.91
C ILE A 53 7.30 6.64 5.92
N ALA A 54 8.28 7.52 5.75
CA ALA A 54 8.02 8.96 5.75
C ALA A 54 7.03 9.35 4.65
N MET A 55 7.18 8.77 3.47
CA MET A 55 6.27 9.10 2.39
C MET A 55 4.84 8.63 2.68
N VAL A 56 4.72 7.44 3.28
CA VAL A 56 3.40 6.98 3.67
C VAL A 56 2.80 7.87 4.78
N LYS A 57 3.60 8.16 5.81
CA LYS A 57 3.12 9.01 6.91
C LYS A 57 2.69 10.38 6.40
N GLU A 58 3.51 10.99 5.54
CA GLU A 58 3.22 12.33 5.03
C GLU A 58 1.98 12.36 4.16
N SER A 59 1.66 11.22 3.56
CA SER A 59 0.54 11.12 2.64
C SER A 59 -0.75 10.65 3.34
N THR A 60 -0.68 10.38 4.64
CA THR A 60 -1.83 9.87 5.38
C THR A 60 -2.16 10.67 6.64
N THR A 61 -1.70 11.92 6.71
CA THR A 61 -1.93 12.73 7.89
C THR A 61 -3.42 12.91 8.17
N HIS A 62 -4.23 12.86 7.11
CA HIS A 62 -5.67 12.98 7.24
C HIS A 62 -6.37 11.71 7.73
N LEU A 63 -5.60 10.69 8.11
CA LEU A 63 -6.17 9.42 8.59
C LEU A 63 -5.64 9.06 9.98
N PRO A 64 -6.28 9.61 11.02
CA PRO A 64 -5.79 9.47 12.39
C PRO A 64 -5.74 8.03 12.90
N ASN A 65 -6.58 7.17 12.34
CA ASN A 65 -6.67 5.77 12.79
C ASN A 65 -5.77 4.82 11.98
N LEU A 66 -4.88 5.40 11.18
CA LEU A 66 -3.91 4.63 10.41
C LEU A 66 -2.53 4.81 11.02
N ARG A 67 -1.76 3.73 11.09
CA ARG A 67 -0.35 3.82 11.48
C ARG A 67 0.50 3.03 10.50
N VAL A 68 1.78 3.40 10.43
CA VAL A 68 2.71 2.76 9.50
C VAL A 68 3.72 1.95 10.28
N GLN A 69 4.10 0.80 9.76
CA GLN A 69 5.02 -0.10 10.45
C GLN A 69 5.80 -0.92 9.44
N VAL A 70 7.09 -1.12 9.70
CA VAL A 70 7.86 -2.05 8.90
C VAL A 70 7.43 -3.45 9.31
N GLY A 71 7.32 -4.35 8.34
CA GLY A 71 6.97 -5.72 8.60
C GLY A 71 8.02 -6.66 8.05
N HIS A 72 8.26 -7.74 8.78
CA HIS A 72 9.18 -8.78 8.33
C HIS A 72 8.39 -10.07 8.22
N GLY A 73 8.58 -10.75 7.09
CA GLY A 73 7.42 -11.23 6.36
C GLY A 73 6.89 -12.63 6.25
N LEU A 74 5.95 -12.95 7.13
CA LEU A 74 4.74 -13.61 6.67
C LEU A 74 3.73 -12.55 7.07
N VAL A 75 3.02 -12.02 6.08
CA VAL A 75 2.00 -11.01 6.36
C VAL A 75 1.04 -11.51 7.42
N VAL A 76 0.65 -12.78 7.34
CA VAL A 76 -0.31 -13.31 8.32
C VAL A 76 0.23 -13.25 9.75
N ASP A 77 1.54 -13.46 9.90
CA ASP A 77 2.14 -13.33 11.24
C ASP A 77 2.03 -11.90 11.73
N PHE A 78 2.30 -10.94 10.85
CA PHE A 78 2.20 -9.53 11.18
C PHE A 78 0.76 -9.20 11.59
N VAL A 79 -0.20 -9.65 10.79
CA VAL A 79 -1.60 -9.43 11.08
C VAL A 79 -1.97 -10.00 12.45
N ARG A 80 -1.62 -11.27 12.67
CA ARG A 80 -1.91 -11.96 13.92
C ARG A 80 -1.27 -11.31 15.15
N SER A 81 -0.08 -10.74 14.96
CA SER A 81 0.62 -10.05 16.05
C SER A 81 -0.07 -8.75 16.45
N CYS A 82 -0.61 -8.06 15.45
CA CYS A 82 -1.28 -6.78 15.68
C CYS A 82 -2.65 -6.98 16.31
N GLY A 83 -3.05 -8.24 16.47
CA GLY A 83 -4.37 -8.54 17.00
C GLY A 83 -5.50 -8.51 15.98
N MET A 84 -5.17 -8.55 14.70
CA MET A 84 -6.20 -8.49 13.67
C MET A 84 -6.31 -9.78 12.89
N THR A 85 -7.32 -9.85 12.03
CA THR A 85 -7.58 -11.08 11.28
C THR A 85 -7.90 -10.76 9.81
N ALA A 86 -7.71 -9.49 9.43
CA ALA A 86 -8.03 -9.05 8.06
C ALA A 86 -6.89 -8.33 7.36
N ILE A 87 -6.70 -8.70 6.09
CA ILE A 87 -5.81 -8.00 5.17
C ILE A 87 -6.67 -7.26 4.14
N VAL A 88 -6.31 -6.02 3.82
CA VAL A 88 -7.01 -5.31 2.75
C VAL A 88 -6.03 -4.97 1.65
N LYS A 89 -6.34 -5.39 0.42
CA LYS A 89 -5.47 -5.11 -0.72
C LYS A 89 -6.24 -4.48 -1.85
N GLY A 90 -5.59 -3.58 -2.58
CA GLY A 90 -6.24 -2.97 -3.72
C GLY A 90 -6.07 -3.76 -4.99
N LEU A 91 -6.96 -3.50 -5.95
CA LEU A 91 -6.87 -4.06 -7.28
C LEU A 91 -6.75 -2.91 -8.26
N ARG A 92 -5.81 -3.04 -9.18
CA ARG A 92 -5.68 -2.04 -10.23
C ARG A 92 -5.44 -2.75 -11.54
N THR A 93 -5.36 -2.00 -12.62
CA THR A 93 -5.12 -2.62 -13.91
C THR A 93 -3.69 -3.15 -13.92
N GLY A 94 -3.53 -4.45 -14.14
CA GLY A 94 -2.21 -5.05 -14.12
C GLY A 94 -1.92 -5.83 -12.85
N THR A 95 -2.82 -5.73 -11.87
CA THR A 95 -2.70 -6.56 -10.67
C THR A 95 -2.70 -8.02 -11.14
N ASP A 96 -1.86 -8.86 -10.54
CA ASP A 96 -1.89 -10.28 -10.89
C ASP A 96 -2.90 -10.92 -9.93
N PHE A 97 -4.17 -10.90 -10.33
CA PHE A 97 -5.21 -11.26 -9.38
C PHE A 97 -5.20 -12.74 -9.06
N GLU A 98 -4.84 -13.57 -10.05
CA GLU A 98 -4.74 -15.01 -9.76
C GLU A 98 -3.69 -15.29 -8.72
N TYR A 99 -2.56 -14.60 -8.77
CA TYR A 99 -1.58 -14.80 -7.72
C TYR A 99 -2.08 -14.27 -6.37
N GLU A 100 -2.76 -13.14 -6.38
CA GLU A 100 -3.32 -12.58 -5.13
C GLU A 100 -4.34 -13.52 -4.54
N LEU A 101 -5.12 -14.15 -5.42
CA LEU A 101 -6.09 -15.14 -4.94
C LEU A 101 -5.41 -16.36 -4.37
N GLN A 102 -4.36 -16.85 -5.03
CA GLN A 102 -3.59 -17.97 -4.47
C GLN A 102 -3.05 -17.62 -3.08
N MET A 103 -2.45 -16.45 -2.94
CA MET A 103 -1.96 -16.03 -1.62
C MET A 103 -3.08 -15.86 -0.61
N ALA A 104 -4.24 -15.37 -1.05
CA ALA A 104 -5.37 -15.15 -0.13
C ALA A 104 -5.81 -16.50 0.45
N GLN A 105 -5.91 -17.49 -0.43
CA GLN A 105 -6.32 -18.83 0.01
C GLN A 105 -5.26 -19.49 0.90
N MET A 106 -3.99 -19.30 0.55
CA MET A 106 -2.90 -19.84 1.37
C MET A 106 -2.92 -19.16 2.73
N ASN A 107 -3.12 -17.85 2.73
CA ASN A 107 -3.14 -17.11 4.00
C ASN A 107 -4.29 -17.53 4.92
N LYS A 108 -5.45 -17.84 4.34
CA LYS A 108 -6.58 -18.31 5.13
C LYS A 108 -6.26 -19.70 5.69
N HIS A 109 -5.65 -20.52 4.84
CA HIS A 109 -5.27 -21.88 5.24
C HIS A 109 -4.30 -21.90 6.41
N ILE A 110 -3.25 -21.09 6.34
CA ILE A 110 -2.20 -21.19 7.36
C ILE A 110 -2.47 -20.42 8.65
N ALA A 111 -3.25 -19.33 8.58
CA ALA A 111 -3.47 -18.51 9.76
C ALA A 111 -4.91 -18.05 9.99
N GLY A 112 -5.83 -18.51 9.14
CA GLY A 112 -7.23 -18.14 9.25
C GLY A 112 -7.52 -16.67 8.98
N VAL A 113 -6.60 -15.99 8.31
CA VAL A 113 -6.76 -14.57 8.03
C VAL A 113 -7.52 -14.37 6.72
N ASP A 114 -8.48 -13.44 6.71
CA ASP A 114 -9.27 -13.14 5.50
C ASP A 114 -8.64 -12.00 4.74
N THR A 115 -8.80 -12.02 3.43
CA THR A 115 -8.28 -10.93 2.60
C THR A 115 -9.43 -10.31 1.84
N PHE A 116 -9.57 -9.00 1.97
CA PHE A 116 -10.64 -8.28 1.29
C PHE A 116 -10.01 -7.46 0.18
N PHE A 117 -10.52 -7.61 -1.03
CA PHE A 117 -9.99 -6.85 -2.16
C PHE A 117 -10.93 -5.72 -2.50
N VAL A 118 -10.38 -4.55 -2.80
CA VAL A 118 -11.23 -3.44 -3.23
C VAL A 118 -10.58 -2.76 -4.45
N ALA A 119 -11.40 -2.41 -5.43
CA ALA A 119 -10.90 -1.80 -6.67
C ALA A 119 -10.52 -0.34 -6.42
N THR A 120 -9.32 0.05 -6.84
CA THR A 120 -8.91 1.45 -6.75
C THR A 120 -9.78 2.27 -7.68
N ALA A 121 -9.96 3.55 -7.36
CA ALA A 121 -10.73 4.42 -8.25
C ALA A 121 -10.14 4.45 -9.66
N PRO A 122 -11.01 4.60 -10.67
CA PRO A 122 -10.58 4.54 -12.07
C PRO A 122 -9.42 5.49 -12.37
N ARG A 123 -9.47 6.72 -11.86
CA ARG A 123 -8.40 7.66 -12.16
C ARG A 123 -7.01 7.25 -11.66
N TYR A 124 -6.95 6.36 -10.67
CA TYR A 124 -5.67 5.89 -10.13
C TYR A 124 -5.46 4.41 -10.44
N SER A 125 -6.28 3.86 -11.32
CA SER A 125 -6.29 2.43 -11.60
C SER A 125 -5.14 1.98 -12.48
N PHE A 126 -4.38 2.91 -13.07
CA PHE A 126 -3.32 2.44 -13.96
C PHE A 126 -1.94 2.77 -13.45
N VAL A 127 -1.86 3.39 -12.27
CA VAL A 127 -0.56 3.65 -11.68
C VAL A 127 -0.14 2.44 -10.84
N SER A 128 1.16 2.18 -10.79
CA SER A 128 1.71 1.16 -9.90
C SER A 128 3.06 1.68 -9.52
N SER A 129 3.60 1.25 -8.38
CA SER A 129 4.92 1.74 -7.98
C SER A 129 5.95 1.53 -9.08
N SER A 130 5.97 0.34 -9.64
CA SER A 130 6.95 0.02 -10.69
C SER A 130 6.82 0.90 -11.91
N LEU A 131 5.61 1.05 -12.43
CA LEU A 131 5.42 1.78 -13.68
C LEU A 131 5.68 3.27 -13.49
N ALA A 132 5.27 3.80 -12.34
CA ALA A 132 5.51 5.21 -12.00
C ALA A 132 7.00 5.55 -11.95
N LYS A 133 7.79 4.66 -11.36
CA LYS A 133 9.26 4.84 -11.33
C LYS A 133 9.86 4.77 -12.72
N GLU A 134 9.49 3.75 -13.49
CA GLU A 134 10.05 3.57 -14.82
C GLU A 134 9.71 4.75 -15.72
N VAL A 135 8.45 5.19 -15.68
CA VAL A 135 8.05 6.38 -16.43
C VAL A 135 8.76 7.64 -15.93
N ALA A 136 8.90 7.78 -14.61
CA ALA A 136 9.56 8.94 -14.03
C ALA A 136 11.03 9.08 -14.45
N MET A 137 11.74 7.95 -14.50
CA MET A 137 13.15 7.95 -14.89
C MET A 137 13.34 8.48 -16.31
N LEU A 138 12.33 8.28 -17.15
CA LEU A 138 12.43 8.62 -18.55
C LEU A 138 11.76 9.96 -18.84
N GLY A 139 11.48 10.69 -17.77
CA GLY A 139 10.99 12.05 -17.89
C GLY A 139 9.51 12.19 -18.12
N GLY A 140 8.76 11.11 -17.92
CA GLY A 140 7.31 11.20 -18.00
C GLY A 140 6.73 11.86 -16.76
N ASP A 141 5.66 12.62 -16.94
CA ASP A 141 5.06 13.32 -15.80
C ASP A 141 3.96 12.48 -15.14
N VAL A 142 4.27 11.92 -13.98
CA VAL A 142 3.29 11.11 -13.26
C VAL A 142 2.81 11.79 -11.99
N SER A 143 3.05 13.09 -11.87
CA SER A 143 2.78 13.80 -10.61
C SER A 143 1.32 13.79 -10.18
N GLU A 144 0.39 13.66 -11.12
CA GLU A 144 -1.03 13.60 -10.78
C GLU A 144 -1.44 12.25 -10.22
N LEU A 145 -0.50 11.32 -10.17
CA LEU A 145 -0.82 9.94 -9.80
C LEU A 145 -0.15 9.55 -8.49
N LEU A 146 0.63 10.48 -7.95
CA LEU A 146 1.41 10.24 -6.74
C LEU A 146 1.17 11.38 -5.74
N PRO A 147 1.32 11.09 -4.43
CA PRO A 147 1.15 12.16 -3.43
C PRO A 147 2.26 13.21 -3.54
N GLU A 148 2.00 14.44 -3.10
CA GLU A 148 3.03 15.49 -3.13
C GLU A 148 4.33 15.11 -2.43
N PRO A 149 4.24 14.50 -1.23
CA PRO A 149 5.43 14.02 -0.51
C PRO A 149 6.29 13.09 -1.36
N VAL A 150 5.66 12.33 -2.24
CA VAL A 150 6.39 11.44 -3.15
C VAL A 150 6.95 12.23 -4.34
N ASN A 151 6.15 13.12 -4.91
CA ASN A 151 6.59 13.93 -6.04
C ASN A 151 7.82 14.74 -5.66
N ARG A 152 7.75 15.32 -4.47
CA ARG A 152 8.85 16.09 -3.89
C ARG A 152 10.14 15.28 -3.86
N ARG A 153 10.07 14.05 -3.36
CA ARG A 153 11.26 13.21 -3.25
C ARG A 153 11.73 12.66 -4.60
N LEU A 154 10.77 12.47 -5.50
CA LEU A 154 11.05 11.91 -6.80
C LEU A 154 11.82 12.93 -7.65
N ARG A 155 11.41 14.20 -7.53
CA ARG A 155 12.10 15.32 -8.17
C ARG A 155 13.56 15.42 -7.75
N ASP A 156 13.82 15.30 -6.45
CA ASP A 156 15.17 15.40 -5.93
C ASP A 156 16.07 14.30 -6.48
N ARG A 157 15.57 13.07 -6.46
CA ARG A 157 16.31 11.92 -6.98
C ARG A 157 16.27 11.89 -8.50
N LEU A 158 16.46 13.07 -9.10
CA LEU A 158 16.42 13.24 -10.54
C LEU A 158 17.47 14.28 -10.89
N ASN A 159 17.53 15.31 -10.06
CA ASN A 159 18.42 16.44 -10.27
C ASN A 159 19.70 16.28 -9.45
C10 EQ5 B . -0.23 -3.95 -3.03
C01 EQ5 B . -2.00 -2.22 -4.99
C02 EQ5 B . -2.02 -2.28 -3.60
C03 EQ5 B . -2.93 -1.48 -2.89
C04 EQ5 B . -3.78 -0.64 -3.59
C05 EQ5 B . -3.75 -0.59 -4.98
C06 EQ5 B . -2.86 -1.38 -5.68
C07 EQ5 B . -2.72 -1.75 -1.53
C08 EQ5 B . -1.69 -2.69 -1.48
N09 EQ5 B . -1.30 -3.00 -2.71
C11 EQ5 B . 0.84 -3.29 -3.88
C12 EQ5 B . 2.22 -3.39 -3.28
O13 EQ5 B . 2.87 -4.47 -3.32
O14 EQ5 B . 2.75 -2.36 -2.74
H101 EQ5 B . -0.62 -4.68 -3.56
H102 EQ5 B . 0.15 -4.31 -2.21
H011 EQ5 B . -1.37 -2.76 -5.48
H041 EQ5 B . -4.42 -0.09 -3.10
H051 EQ5 B . -4.36 0.00 -5.46
H061 EQ5 B . -2.83 -1.34 -6.65
H071 EQ5 B . -3.19 -1.36 -0.78
H081 EQ5 B . -1.34 -3.07 -0.66
H112 EQ5 B . 0.61 -2.33 -3.99
H111 EQ5 B . 0.85 -3.71 -4.75
S DMS C . -3.01 -13.17 -16.49
O DMS C . -1.62 -13.12 -15.90
C1 DMS C . -3.87 -14.65 -15.90
C2 DMS C . -4.06 -11.92 -15.73
H11 DMS C . -4.87 -14.63 -16.26
H12 DMS C . -3.87 -14.66 -14.84
H13 DMS C . -3.39 -15.52 -16.27
H21 DMS C . -4.06 -12.05 -14.68
H22 DMS C . -3.71 -10.95 -15.97
H23 DMS C . -5.06 -12.03 -16.09
#